data_4YQ4
#
_entry.id   4YQ4
#
_cell.length_a   93.885
_cell.length_b   93.885
_cell.length_c   178.327
_cell.angle_alpha   90.000
_cell.angle_beta   90.000
_cell.angle_gamma   120.000
#
_symmetry.space_group_name_H-M   'H 3 2'
#
loop_
_entity.id
_entity.type
_entity.pdbx_description
1 polymer 'tRNA (guanine-N(1)-)-methyltransferase'
2 non-polymer 6-[(3-hydroxybenzyl)amino]pyridine-3-carboxamide
3 non-polymer 'CITRATE ANION'
4 water water
#
_entity_poly.entity_id   1
_entity_poly.type   'polypeptide(L)'
_entity_poly.pdbx_seq_one_letter_code
;GLVPRGSHMWIGVISLFPEMFKAITEFGVTGRAVKHNLLKVECWNPRDFTFDKHKTVDDRPYGGGPGMLMMVQPLRDAIH
TAKAAAGEGAKVIYLSPQGRKLDQGGVTELAQNQKLILVCGRYEGIDERLIQTEIDEEWSIGDYVLTGGELPAMTLIDAV
ARFIPGVLGKQASAEEDSFADGLLDCPHYTRPEVLEGLTVPPVLMSGHHEEIRKWRLKQSLQRTWLRRPELLEGLALTDE
QRKLLKEAQAEHNS
;
_entity_poly.pdbx_strand_id   A
#
loop_
_chem_comp.id
_chem_comp.type
_chem_comp.name
_chem_comp.formula
4G3 non-polymer 6-[(3-hydroxybenzyl)amino]pyridine-3-carboxamide 'C13 H13 N3 O2'
FLC non-polymer 'CITRATE ANION' 'C6 H5 O7 -3'
#
# COMPACT_ATOMS: atom_id res chain seq x y z
N GLY A 6 -2.80 11.10 -17.94
CA GLY A 6 -1.77 10.28 -18.55
C GLY A 6 -2.04 8.82 -18.24
N SER A 7 -1.21 8.24 -17.38
CA SER A 7 -1.54 6.95 -16.79
C SER A 7 -2.41 7.19 -15.57
N HIS A 8 -3.39 8.08 -15.72
CA HIS A 8 -4.48 8.32 -14.77
C HIS A 8 -4.90 7.01 -14.12
N MET A 9 -5.22 7.06 -12.84
CA MET A 9 -5.76 5.89 -12.16
C MET A 9 -7.11 6.28 -11.57
N TRP A 10 -8.10 5.42 -11.74
CA TRP A 10 -9.40 5.64 -11.12
C TRP A 10 -9.59 4.58 -10.05
N ILE A 11 -9.91 5.02 -8.83
CA ILE A 11 -10.13 4.04 -7.78
C ILE A 11 -11.50 4.29 -7.15
N GLY A 12 -12.37 3.29 -7.26
CA GLY A 12 -13.68 3.32 -6.63
C GLY A 12 -13.53 2.68 -5.26
N VAL A 13 -14.21 3.22 -4.27
CA VAL A 13 -14.09 2.72 -2.90
C VAL A 13 -15.46 2.47 -2.34
N ILE A 14 -15.64 1.31 -1.70
CA ILE A 14 -16.90 1.01 -1.06
C ILE A 14 -16.60 1.06 0.44
N SER A 15 -17.23 1.97 1.17
CA SER A 15 -16.88 2.19 2.57
C SER A 15 -18.01 2.84 3.33
N LEU A 16 -18.23 2.37 4.56
CA LEU A 16 -19.17 2.98 5.50
C LEU A 16 -18.67 4.32 6.07
N PHE A 17 -17.39 4.59 5.84
CA PHE A 17 -16.78 5.84 6.32
C PHE A 17 -15.98 6.55 5.26
N PRO A 18 -16.65 7.01 4.20
CA PRO A 18 -15.98 7.66 3.07
C PRO A 18 -15.12 8.85 3.51
N GLU A 19 -15.52 9.53 4.57
CA GLU A 19 -14.78 10.73 4.98
C GLU A 19 -13.37 10.38 5.48
N MET A 20 -13.12 9.12 5.84
CA MET A 20 -11.73 8.77 6.23
C MET A 20 -10.76 9.01 5.07
N PHE A 21 -11.25 8.87 3.85
CA PHE A 21 -10.40 8.99 2.68
C PHE A 21 -9.95 10.42 2.40
N LYS A 22 -10.54 11.39 3.09
CA LYS A 22 -9.98 12.75 3.05
C LYS A 22 -8.51 12.75 3.47
N ALA A 23 -8.10 11.79 4.30
CA ALA A 23 -6.70 11.75 4.74
C ALA A 23 -5.76 11.60 3.53
N ILE A 24 -6.20 10.91 2.47
CA ILE A 24 -5.34 10.86 1.30
C ILE A 24 -5.76 11.81 0.21
N THR A 25 -7.06 12.14 0.09
CA THR A 25 -7.45 13.00 -1.03
C THR A 25 -7.23 14.49 -0.80
N GLU A 26 -7.03 14.90 0.45
CA GLU A 26 -6.89 16.33 0.75
C GLU A 26 -5.49 16.78 1.16
N PHE A 27 -4.54 15.86 1.30
CA PHE A 27 -3.21 16.22 1.83
C PHE A 27 -2.06 15.60 1.09
N GLY A 28 -0.94 16.31 1.09
CA GLY A 28 0.32 15.75 0.66
C GLY A 28 0.38 15.47 -0.81
N VAL A 29 1.27 14.54 -1.14
CA VAL A 29 1.50 14.10 -2.51
C VAL A 29 0.25 13.47 -3.12
N THR A 30 -0.50 12.69 -2.35
CA THR A 30 -1.71 12.06 -2.89
C THR A 30 -2.80 13.10 -3.10
N GLY A 31 -2.85 14.11 -2.22
CA GLY A 31 -3.85 15.16 -2.33
C GLY A 31 -3.58 15.96 -3.61
N ARG A 32 -2.31 16.22 -3.88
CA ARG A 32 -1.94 16.90 -5.13
C ARG A 32 -2.30 16.04 -6.34
N ALA A 33 -2.07 14.73 -6.25
CA ALA A 33 -2.41 13.85 -7.39
C ALA A 33 -3.90 13.93 -7.70
N VAL A 34 -4.72 13.99 -6.66
CA VAL A 34 -6.19 14.07 -6.84
C VAL A 34 -6.55 15.42 -7.46
N LYS A 35 -6.01 16.51 -6.90
CA LYS A 35 -6.28 17.85 -7.42
C LYS A 35 -5.86 17.99 -8.89
N HIS A 36 -4.77 17.35 -9.27
CA HIS A 36 -4.28 17.45 -10.65
C HIS A 36 -4.88 16.39 -11.59
N ASN A 37 -5.86 15.64 -11.08
CA ASN A 37 -6.54 14.60 -11.87
C ASN A 37 -5.65 13.47 -12.34
N LEU A 38 -4.55 13.22 -11.64
CA LEU A 38 -3.74 12.03 -11.91
C LEU A 38 -4.38 10.82 -11.27
N LEU A 39 -5.06 11.10 -10.16
CA LEU A 39 -5.71 10.06 -9.36
C LEU A 39 -7.13 10.51 -9.09
N LYS A 40 -8.08 9.59 -9.31
CA LYS A 40 -9.46 9.88 -8.97
C LYS A 40 -9.92 8.86 -7.95
N VAL A 41 -10.45 9.33 -6.84
CA VAL A 41 -10.95 8.43 -5.83
C VAL A 41 -12.42 8.73 -5.65
N GLU A 42 -13.26 7.73 -5.87
CA GLU A 42 -14.70 7.92 -5.82
C GLU A 42 -15.30 6.93 -4.81
N CYS A 43 -16.10 7.41 -3.86
CA CYS A 43 -16.59 6.54 -2.78
C CYS A 43 -18.09 6.29 -2.85
N TRP A 44 -18.50 5.06 -2.55
CA TRP A 44 -19.92 4.69 -2.39
C TRP A 44 -20.09 4.14 -0.99
N ASN A 45 -21.13 4.59 -0.29
CA ASN A 45 -21.36 4.21 1.10
C ASN A 45 -22.55 3.25 1.13
N PRO A 46 -22.36 1.98 1.58
CA PRO A 46 -23.52 1.06 1.63
C PRO A 46 -24.71 1.64 2.41
N ARG A 47 -24.45 2.56 3.34
CA ARG A 47 -25.56 3.14 4.09
C ARG A 47 -26.53 3.85 3.14
N ASP A 48 -26.03 4.35 2.03
CA ASP A 48 -26.91 5.03 1.08
C ASP A 48 -27.78 4.07 0.27
N PHE A 49 -27.47 2.78 0.37
CA PHE A 49 -28.21 1.75 -0.41
C PHE A 49 -29.15 0.96 0.47
N THR A 50 -29.33 1.43 1.70
CA THR A 50 -30.29 0.80 2.61
C THR A 50 -31.70 1.32 2.33
N PHE A 51 -32.70 0.59 2.80
CA PHE A 51 -34.07 1.02 2.63
C PHE A 51 -34.85 1.07 3.94
N ASP A 52 -34.31 0.52 5.03
CA ASP A 52 -35.05 0.58 6.27
C ASP A 52 -34.84 1.93 6.96
N LYS A 53 -35.70 2.22 7.94
CA LYS A 53 -35.71 3.53 8.60
C LYS A 53 -34.38 3.82 9.30
N HIS A 54 -33.79 2.78 9.85
CA HIS A 54 -32.56 2.96 10.60
C HIS A 54 -31.28 2.72 9.79
N LYS A 55 -31.46 2.55 8.48
CA LYS A 55 -30.30 2.45 7.58
C LYS A 55 -29.30 1.39 8.05
N THR A 56 -29.81 0.18 8.22
CA THR A 56 -29.03 -0.89 8.82
C THR A 56 -28.01 -1.45 7.83
N VAL A 57 -26.74 -1.52 8.26
CA VAL A 57 -25.68 -1.98 7.37
C VAL A 57 -24.95 -3.19 7.91
N ASP A 58 -25.38 -3.74 9.06
CA ASP A 58 -24.77 -4.95 9.57
C ASP A 58 -25.82 -6.05 9.72
N ASP A 59 -25.37 -7.29 9.93
CA ASP A 59 -26.32 -8.42 10.02
C ASP A 59 -25.64 -9.53 10.80
N ARG A 60 -26.46 -10.42 11.33
CA ARG A 60 -26.00 -11.50 12.22
C ARG A 60 -25.46 -12.68 11.42
N PRO A 61 -24.34 -13.26 11.88
CA PRO A 61 -23.79 -14.42 11.16
C PRO A 61 -24.59 -15.69 11.42
N TYR A 62 -24.88 -16.45 10.37
CA TYR A 62 -25.42 -17.79 10.58
C TYR A 62 -24.45 -18.56 11.46
N GLY A 63 -24.98 -19.36 12.36
CA GLY A 63 -24.18 -20.21 13.23
C GLY A 63 -23.84 -19.56 14.56
N GLY A 64 -24.21 -18.30 14.72
CA GLY A 64 -23.96 -17.60 15.96
C GLY A 64 -22.54 -17.08 16.11
N GLY A 65 -22.23 -16.58 17.30
CA GLY A 65 -20.95 -15.95 17.54
C GLY A 65 -21.16 -14.52 17.98
N PRO A 66 -20.11 -13.89 18.52
CA PRO A 66 -20.23 -12.57 19.13
C PRO A 66 -20.20 -11.42 18.12
N GLY A 67 -19.73 -11.68 16.92
CA GLY A 67 -19.54 -10.62 15.94
C GLY A 67 -20.71 -10.39 14.98
N MET A 68 -20.58 -9.33 14.18
CA MET A 68 -21.55 -9.07 13.14
C MET A 68 -20.83 -9.14 11.79
N LEU A 69 -21.59 -9.18 10.69
CA LEU A 69 -21.03 -9.07 9.34
C LEU A 69 -21.63 -7.86 8.66
N MET A 70 -21.02 -7.41 7.58
CA MET A 70 -21.73 -6.42 6.79
CA MET A 70 -21.65 -6.45 6.69
C MET A 70 -22.96 -7.06 6.16
N MET A 71 -24.02 -6.28 6.15
CA MET A 71 -25.29 -6.75 5.58
C MET A 71 -25.12 -6.89 4.08
N VAL A 72 -25.63 -7.97 3.50
CA VAL A 72 -25.36 -8.28 2.11
C VAL A 72 -25.98 -7.28 1.13
N GLN A 73 -27.28 -7.03 1.25
CA GLN A 73 -27.98 -6.23 0.21
C GLN A 73 -27.41 -4.81 0.01
N PRO A 74 -27.22 -4.02 1.09
CA PRO A 74 -26.66 -2.68 0.82
C PRO A 74 -25.24 -2.74 0.25
N LEU A 75 -24.45 -3.70 0.72
CA LEU A 75 -23.06 -3.78 0.25
C LEU A 75 -23.01 -4.24 -1.20
N ARG A 76 -23.81 -5.27 -1.51
CA ARG A 76 -23.89 -5.78 -2.88
C ARG A 76 -24.33 -4.67 -3.84
N ASP A 77 -25.37 -3.94 -3.45
CA ASP A 77 -25.88 -2.88 -4.32
C ASP A 77 -24.83 -1.77 -4.50
N ALA A 78 -24.07 -1.48 -3.45
CA ALA A 78 -23.03 -0.43 -3.58
C ALA A 78 -21.95 -0.90 -4.53
N ILE A 79 -21.54 -2.15 -4.37
CA ILE A 79 -20.54 -2.71 -5.28
C ILE A 79 -21.06 -2.67 -6.73
N HIS A 80 -22.29 -3.12 -6.97
CA HIS A 80 -22.80 -3.08 -8.35
C HIS A 80 -22.79 -1.67 -8.95
N THR A 81 -23.10 -0.68 -8.13
CA THR A 81 -23.12 0.70 -8.58
C THR A 81 -21.70 1.18 -8.95
N ALA A 82 -20.72 0.83 -8.13
CA ALA A 82 -19.34 1.18 -8.42
C ALA A 82 -18.85 0.50 -9.71
N LYS A 83 -19.24 -0.77 -9.91
CA LYS A 83 -18.84 -1.50 -11.12
C LYS A 83 -19.43 -0.82 -12.35
N ALA A 84 -20.67 -0.35 -12.22
CA ALA A 84 -21.34 0.29 -13.36
C ALA A 84 -20.65 1.61 -13.70
N ALA A 85 -20.25 2.35 -12.68
CA ALA A 85 -19.50 3.59 -12.86
C ALA A 85 -18.14 3.33 -13.50
N ALA A 86 -17.52 2.21 -13.15
CA ALA A 86 -16.14 1.96 -13.56
C ALA A 86 -16.10 1.61 -15.03
N GLY A 87 -17.18 0.99 -15.50
CA GLY A 87 -17.22 0.47 -16.83
C GLY A 87 -16.35 -0.76 -16.89
N GLU A 88 -15.82 -1.04 -18.08
CA GLU A 88 -15.09 -2.26 -18.35
C GLU A 88 -13.67 -2.24 -17.78
N GLY A 89 -13.21 -3.42 -17.35
CA GLY A 89 -11.84 -3.61 -16.96
C GLY A 89 -11.43 -3.23 -15.53
N ALA A 90 -12.37 -2.94 -14.64
CA ALA A 90 -11.99 -2.65 -13.26
C ALA A 90 -11.81 -3.94 -12.46
N LYS A 91 -10.70 -4.02 -11.74
CA LYS A 91 -10.43 -5.16 -10.89
C LYS A 91 -10.98 -4.87 -9.49
N VAL A 92 -11.76 -5.79 -8.94
CA VAL A 92 -12.39 -5.55 -7.63
C VAL A 92 -11.58 -6.26 -6.55
N ILE A 93 -11.14 -5.49 -5.55
CA ILE A 93 -10.22 -5.99 -4.53
C ILE A 93 -10.86 -5.91 -3.15
N TYR A 94 -10.76 -6.97 -2.37
CA TYR A 94 -11.29 -6.95 -1.01
C TYR A 94 -10.10 -6.96 -0.06
N LEU A 95 -10.07 -6.04 0.90
CA LEU A 95 -8.94 -5.98 1.85
C LEU A 95 -9.27 -6.81 3.08
N SER A 96 -8.45 -7.82 3.40
CA SER A 96 -8.69 -8.60 4.60
C SER A 96 -7.41 -9.24 5.08
N PRO A 97 -7.39 -9.68 6.35
CA PRO A 97 -6.20 -10.42 6.81
C PRO A 97 -6.03 -11.77 6.10
N GLN A 98 -7.09 -12.28 5.47
CA GLN A 98 -7.02 -13.55 4.73
C GLN A 98 -6.47 -13.40 3.32
N GLY A 99 -6.09 -12.20 2.93
CA GLY A 99 -5.74 -11.98 1.54
C GLY A 99 -4.26 -12.19 1.24
N ARG A 100 -3.91 -12.07 -0.03
CA ARG A 100 -2.52 -12.12 -0.48
C ARG A 100 -1.73 -10.98 0.17
N LYS A 101 -0.58 -11.31 0.75
CA LYS A 101 0.17 -10.30 1.49
C LYS A 101 0.78 -9.25 0.56
N LEU A 102 0.46 -7.99 0.81
CA LEU A 102 1.03 -6.90 0.01
C LEU A 102 2.52 -6.70 0.24
N ASP A 103 3.28 -6.58 -0.85
CA ASP A 103 4.67 -6.12 -0.79
C ASP A 103 4.91 -5.25 -2.03
N GLN A 104 6.11 -4.72 -2.20
CA GLN A 104 6.33 -3.72 -3.25
C GLN A 104 6.12 -4.32 -4.64
N GLY A 105 6.46 -5.59 -4.82
CA GLY A 105 6.21 -6.25 -6.10
C GLY A 105 4.71 -6.33 -6.39
N GLY A 106 3.93 -6.61 -5.35
CA GLY A 106 2.48 -6.68 -5.48
C GLY A 106 1.89 -5.30 -5.78
N VAL A 107 2.47 -4.26 -5.16
CA VAL A 107 2.08 -2.89 -5.47
C VAL A 107 2.31 -2.55 -6.96
N THR A 108 3.48 -2.92 -7.47
CA THR A 108 3.79 -2.63 -8.86
C THR A 108 2.84 -3.42 -9.78
N GLU A 109 2.44 -4.61 -9.37
CA GLU A 109 1.44 -5.36 -10.14
C GLU A 109 0.08 -4.66 -10.13
N LEU A 110 -0.37 -4.23 -8.96
CA LEU A 110 -1.68 -3.61 -8.83
C LEU A 110 -1.70 -2.27 -9.57
N ALA A 111 -0.56 -1.58 -9.58
CA ALA A 111 -0.44 -0.27 -10.24
C ALA A 111 -0.62 -0.36 -11.76
N GLN A 112 -0.56 -1.56 -12.32
CA GLN A 112 -0.76 -1.74 -13.76
C GLN A 112 -2.22 -1.56 -14.16
N ASN A 113 -3.11 -1.59 -13.17
CA ASN A 113 -4.54 -1.45 -13.42
C ASN A 113 -4.92 0.01 -13.55
N GLN A 114 -5.71 0.32 -14.56
CA GLN A 114 -6.16 1.68 -14.78
C GLN A 114 -7.33 2.00 -13.85
N LYS A 115 -8.08 0.95 -13.50
CA LYS A 115 -9.24 1.06 -12.63
C LYS A 115 -9.23 -0.03 -11.56
N LEU A 116 -9.51 0.37 -10.33
CA LEU A 116 -9.61 -0.55 -9.21
C LEU A 116 -10.86 -0.21 -8.46
N ILE A 117 -11.50 -1.21 -7.85
CA ILE A 117 -12.57 -0.97 -6.91
C ILE A 117 -12.16 -1.63 -5.60
N LEU A 118 -12.13 -0.86 -4.51
CA LEU A 118 -11.65 -1.38 -3.24
C LEU A 118 -12.80 -1.51 -2.25
N VAL A 119 -13.04 -2.74 -1.79
CA VAL A 119 -14.14 -2.97 -0.90
C VAL A 119 -13.63 -3.01 0.54
N CYS A 120 -14.13 -2.11 1.39
CA CYS A 120 -13.67 -2.00 2.77
C CYS A 120 -14.64 -2.66 3.71
N GLY A 121 -14.24 -3.79 4.27
CA GLY A 121 -15.08 -4.47 5.24
C GLY A 121 -14.96 -3.87 6.63
N ARG A 122 -16.06 -3.93 7.37
CA ARG A 122 -16.05 -3.62 8.79
C ARG A 122 -16.66 -4.80 9.52
N TYR A 123 -16.85 -4.67 10.83
CA TYR A 123 -17.34 -5.79 11.66
C TYR A 123 -16.43 -7.01 11.44
N GLU A 124 -16.99 -8.22 11.27
CA GLU A 124 -16.12 -9.37 11.00
C GLU A 124 -15.96 -9.62 9.50
N GLY A 125 -16.28 -8.62 8.69
CA GLY A 125 -15.99 -8.71 7.26
C GLY A 125 -17.26 -8.99 6.49
N ILE A 126 -17.15 -9.63 5.33
CA ILE A 126 -18.31 -9.80 4.46
C ILE A 126 -18.62 -11.26 4.24
N ASP A 127 -19.83 -11.52 3.72
CA ASP A 127 -20.30 -12.86 3.44
C ASP A 127 -19.37 -13.55 2.44
N GLU A 128 -18.99 -14.78 2.73
CA GLU A 128 -18.07 -15.52 1.85
C GLU A 128 -18.59 -15.62 0.41
N ARG A 129 -19.90 -15.69 0.23
CA ARG A 129 -20.41 -15.81 -1.13
C ARG A 129 -20.24 -14.54 -1.96
N LEU A 130 -20.20 -13.39 -1.29
CA LEU A 130 -19.90 -12.13 -1.99
C LEU A 130 -18.46 -12.12 -2.47
N ILE A 131 -17.58 -12.73 -1.69
CA ILE A 131 -16.20 -12.83 -2.12
C ILE A 131 -16.18 -13.66 -3.41
N GLN A 132 -16.93 -14.75 -3.42
CA GLN A 132 -16.99 -15.61 -4.59
C GLN A 132 -17.61 -14.92 -5.81
N THR A 133 -18.65 -14.12 -5.59
CA THR A 133 -19.41 -13.59 -6.73
C THR A 133 -19.00 -12.18 -7.16
N GLU A 134 -18.35 -11.44 -6.28
CA GLU A 134 -18.11 -10.03 -6.59
C GLU A 134 -16.65 -9.65 -6.53
N ILE A 135 -15.84 -10.43 -5.84
CA ILE A 135 -14.44 -9.99 -5.63
C ILE A 135 -13.50 -10.70 -6.58
N ASP A 136 -12.60 -9.94 -7.20
CA ASP A 136 -11.61 -10.53 -8.10
C ASP A 136 -10.39 -11.02 -7.32
N GLU A 137 -9.89 -10.18 -6.43
CA GLU A 137 -8.68 -10.51 -5.66
C GLU A 137 -8.80 -10.07 -4.22
N GLU A 138 -8.29 -10.91 -3.32
CA GLU A 138 -8.29 -10.58 -1.90
C GLU A 138 -6.84 -10.29 -1.48
N TRP A 139 -6.61 -9.12 -0.89
CA TRP A 139 -5.26 -8.67 -0.50
C TRP A 139 -5.21 -8.28 0.98
N SER A 140 -4.06 -8.48 1.60
CA SER A 140 -3.80 -8.03 2.97
C SER A 140 -2.60 -7.07 2.99
N ILE A 141 -2.66 -6.04 3.83
CA ILE A 141 -1.50 -5.14 3.90
C ILE A 141 -0.47 -5.59 4.97
N GLY A 142 -0.78 -6.66 5.69
CA GLY A 142 0.16 -7.18 6.67
C GLY A 142 -0.56 -8.12 7.62
N ASP A 143 0.19 -8.88 8.43
CA ASP A 143 -0.46 -9.87 9.29
C ASP A 143 -0.88 -9.28 10.62
N TYR A 144 -1.90 -8.45 10.59
CA TYR A 144 -2.45 -7.84 11.78
C TYR A 144 -3.89 -7.47 11.46
N VAL A 145 -4.67 -7.23 12.51
CA VAL A 145 -6.09 -7.00 12.38
C VAL A 145 -6.42 -5.57 12.75
N LEU A 146 -7.19 -4.92 11.90
CA LEU A 146 -7.63 -3.54 12.12
C LEU A 146 -9.14 -3.49 12.26
N THR A 147 -9.68 -2.32 12.64
CA THR A 147 -11.10 -2.18 12.89
C THR A 147 -11.88 -2.03 11.59
N GLY A 148 -11.17 -1.93 10.47
CA GLY A 148 -11.87 -1.83 9.19
C GLY A 148 -10.91 -1.90 8.02
N GLY A 149 -11.44 -2.12 6.82
CA GLY A 149 -10.58 -2.15 5.64
C GLY A 149 -10.19 -0.79 5.09
N GLU A 150 -10.63 0.30 5.72
CA GLU A 150 -10.36 1.63 5.17
C GLU A 150 -8.86 1.99 5.18
N LEU A 151 -8.20 1.80 6.32
CA LEU A 151 -6.77 2.12 6.38
C LEU A 151 -5.99 1.22 5.41
N PRO A 152 -6.33 -0.08 5.34
CA PRO A 152 -5.65 -0.86 4.28
C PRO A 152 -5.91 -0.36 2.86
N ALA A 153 -7.14 0.06 2.54
CA ALA A 153 -7.42 0.59 1.20
C ALA A 153 -6.61 1.90 0.96
N MET A 154 -6.56 2.75 1.96
CA MET A 154 -5.79 3.99 1.80
C MET A 154 -4.32 3.70 1.60
N THR A 155 -3.84 2.71 2.35
CA THR A 155 -2.45 2.31 2.24
C THR A 155 -2.15 1.84 0.82
N LEU A 156 -3.04 1.03 0.28
CA LEU A 156 -2.88 0.49 -1.07
C LEU A 156 -2.91 1.65 -2.06
N ILE A 157 -3.86 2.58 -1.87
CA ILE A 157 -4.02 3.70 -2.80
C ILE A 157 -2.73 4.54 -2.82
N ASP A 158 -2.24 4.82 -1.64
CA ASP A 158 -1.02 5.64 -1.54
C ASP A 158 0.16 4.94 -2.22
N ALA A 159 0.34 3.64 -1.94
CA ALA A 159 1.46 2.91 -2.51
C ALA A 159 1.40 2.86 -4.03
N VAL A 160 0.21 2.62 -4.61
CA VAL A 160 0.12 2.54 -6.07
C VAL A 160 0.20 3.92 -6.73
N ALA A 161 -0.30 4.95 -6.04
CA ALA A 161 -0.23 6.32 -6.54
C ALA A 161 1.19 6.75 -6.87
N ARG A 162 2.15 6.24 -6.10
CA ARG A 162 3.56 6.61 -6.30
C ARG A 162 4.07 6.19 -7.67
N PHE A 163 3.41 5.20 -8.28
CA PHE A 163 3.79 4.72 -9.62
C PHE A 163 3.09 5.44 -10.77
N ILE A 164 2.18 6.35 -10.46
CA ILE A 164 1.51 7.12 -11.48
C ILE A 164 2.45 8.22 -11.95
N PRO A 165 2.73 8.30 -13.26
CA PRO A 165 3.68 9.32 -13.71
C PRO A 165 3.18 10.71 -13.36
N GLY A 166 4.07 11.54 -12.83
CA GLY A 166 3.71 12.89 -12.45
C GLY A 166 3.40 13.04 -10.97
N VAL A 167 3.12 11.93 -10.30
CA VAL A 167 2.74 12.04 -8.89
C VAL A 167 3.94 12.43 -8.03
N LEU A 168 5.06 11.75 -8.20
CA LEU A 168 6.26 12.11 -7.45
C LEU A 168 7.00 13.22 -8.19
N GLY A 169 7.65 14.12 -7.46
CA GLY A 169 8.38 15.21 -8.06
C GLY A 169 9.76 14.79 -8.54
N ASP A 177 13.69 4.18 -5.87
CA ASP A 177 13.84 3.50 -4.59
C ASP A 177 15.08 2.61 -4.57
N SER A 178 15.69 2.48 -3.39
CA SER A 178 16.65 1.40 -3.18
C SER A 178 15.84 0.13 -3.03
N PHE A 179 14.60 0.31 -2.63
CA PHE A 179 13.64 -0.79 -2.52
C PHE A 179 13.35 -1.35 -3.90
N ALA A 180 13.52 -0.52 -4.92
CA ALA A 180 13.38 -0.95 -6.30
C ALA A 180 14.34 -2.09 -6.61
N ASP A 181 15.59 -2.00 -6.14
CA ASP A 181 16.51 -3.11 -6.35
C ASP A 181 16.45 -4.07 -5.17
N GLY A 182 15.44 -3.91 -4.31
CA GLY A 182 15.11 -4.94 -3.34
C GLY A 182 15.81 -4.85 -1.99
N LEU A 183 16.50 -3.75 -1.75
CA LEU A 183 17.28 -3.58 -0.52
C LEU A 183 16.68 -2.49 0.37
N LEU A 184 17.00 -2.56 1.66
CA LEU A 184 16.66 -1.45 2.56
C LEU A 184 17.48 -0.21 2.21
N ASP A 185 16.94 0.96 2.53
CA ASP A 185 17.61 2.21 2.18
C ASP A 185 18.88 2.44 3.01
N CYS A 186 19.82 3.18 2.44
CA CYS A 186 21.00 3.62 3.20
C CYS A 186 20.62 4.73 4.18
N PRO A 187 21.47 5.01 5.20
CA PRO A 187 21.25 6.16 6.07
C PRO A 187 21.36 7.45 5.29
N HIS A 188 20.62 8.47 5.71
CA HIS A 188 20.67 9.78 5.07
C HIS A 188 21.00 10.83 6.13
N TYR A 189 21.62 11.91 5.70
CA TYR A 189 22.06 12.98 6.62
C TYR A 189 21.78 14.34 6.01
N THR A 190 21.39 15.29 6.85
CA THR A 190 21.22 16.66 6.38
C THR A 190 21.84 17.57 7.46
N ARG A 191 21.65 18.87 7.34
CA ARG A 191 22.26 19.78 8.33
C ARG A 191 21.73 19.49 9.73
N PRO A 192 22.53 19.71 10.77
CA PRO A 192 23.89 20.28 10.73
C PRO A 192 24.99 19.23 10.57
N GLU A 193 26.21 19.71 10.39
CA GLU A 193 27.32 18.83 10.14
C GLU A 193 27.59 17.95 11.36
N VAL A 194 27.30 18.49 12.54
CA VAL A 194 27.45 17.75 13.80
C VAL A 194 26.18 17.89 14.63
N LEU A 195 25.66 16.77 15.11
CA LEU A 195 24.39 16.73 15.83
C LEU A 195 24.54 15.84 17.05
N GLU A 196 24.44 16.43 18.23
CA GLU A 196 24.76 15.79 19.50
C GLU A 196 26.05 14.96 19.45
N GLY A 197 27.10 15.53 18.87
CA GLY A 197 28.40 14.90 18.81
C GLY A 197 28.61 13.95 17.64
N LEU A 198 27.53 13.67 16.92
CA LEU A 198 27.56 12.73 15.79
C LEU A 198 27.82 13.47 14.48
N THR A 199 28.81 13.00 13.74
CA THR A 199 29.26 13.70 12.55
C THR A 199 28.68 13.05 11.31
N VAL A 200 28.60 13.80 10.21
CA VAL A 200 28.24 13.21 8.91
C VAL A 200 29.44 12.46 8.35
N PRO A 201 29.24 11.23 7.82
CA PRO A 201 30.31 10.51 7.14
C PRO A 201 31.04 11.40 6.11
N PRO A 202 32.36 11.56 6.28
CA PRO A 202 33.14 12.47 5.43
C PRO A 202 32.93 12.22 3.93
N VAL A 203 32.76 10.97 3.53
CA VAL A 203 32.55 10.68 2.11
C VAL A 203 31.38 11.50 1.52
N LEU A 204 30.33 11.71 2.31
CA LEU A 204 29.16 12.44 1.80
C LEU A 204 29.47 13.94 1.61
N MET A 205 30.54 14.43 2.23
CA MET A 205 30.99 15.83 2.02
C MET A 205 32.03 15.98 0.90
N SER A 206 32.51 14.86 0.38
CA SER A 206 33.64 14.84 -0.56
C SER A 206 33.30 15.37 -1.96
N GLY A 207 32.03 15.36 -2.32
CA GLY A 207 31.63 15.72 -3.67
C GLY A 207 31.98 14.65 -4.71
N HIS A 208 32.52 13.53 -4.26
CA HIS A 208 32.89 12.43 -5.16
C HIS A 208 31.71 11.52 -5.43
N HIS A 209 30.99 11.79 -6.52
CA HIS A 209 29.72 11.12 -6.82
C HIS A 209 29.80 9.59 -6.87
N GLU A 210 30.89 9.05 -7.42
CA GLU A 210 31.01 7.60 -7.53
C GLU A 210 31.29 6.95 -6.17
N GLU A 211 32.16 7.57 -5.39
CA GLU A 211 32.42 7.11 -4.02
C GLU A 211 31.13 7.19 -3.20
N ILE A 212 30.35 8.25 -3.39
CA ILE A 212 29.10 8.40 -2.65
C ILE A 212 28.08 7.33 -3.06
N ARG A 213 27.98 7.07 -4.36
CA ARG A 213 27.08 6.05 -4.86
C ARG A 213 27.45 4.69 -4.25
N LYS A 214 28.74 4.37 -4.25
CA LYS A 214 29.18 3.07 -3.75
C LYS A 214 29.01 2.93 -2.24
N TRP A 215 29.31 4.01 -1.50
CA TRP A 215 29.05 4.05 -0.06
C TRP A 215 27.58 3.75 0.25
N ARG A 216 26.68 4.47 -0.40
CA ARG A 216 25.23 4.27 -0.21
C ARG A 216 24.81 2.85 -0.52
N LEU A 217 25.31 2.31 -1.61
CA LEU A 217 24.95 0.96 -1.99
C LEU A 217 25.47 -0.04 -0.96
N LYS A 218 26.71 0.16 -0.53
CA LYS A 218 27.29 -0.71 0.48
C LYS A 218 26.52 -0.66 1.80
N GLN A 219 26.13 0.55 2.20
CA GLN A 219 25.31 0.71 3.42
C GLN A 219 23.98 0.00 3.30
N SER A 220 23.34 0.09 2.12
CA SER A 220 22.05 -0.58 1.89
C SER A 220 22.22 -2.08 2.03
N LEU A 221 23.30 -2.59 1.43
CA LEU A 221 23.55 -4.01 1.49
C LEU A 221 23.84 -4.44 2.92
N GLN A 222 24.68 -3.68 3.63
CA GLN A 222 24.99 -4.03 5.01
C GLN A 222 23.73 -3.97 5.90
N ARG A 223 22.93 -2.94 5.73
CA ARG A 223 21.70 -2.80 6.51
C ARG A 223 20.71 -3.94 6.19
N THR A 224 20.62 -4.31 4.93
CA THR A 224 19.66 -5.37 4.57
C THR A 224 20.13 -6.69 5.19
N TRP A 225 21.43 -6.95 5.11
CA TRP A 225 22.01 -8.15 5.70
C TRP A 225 21.79 -8.25 7.21
N LEU A 226 22.02 -7.14 7.91
CA LEU A 226 21.88 -7.15 9.37
C LEU A 226 20.42 -7.18 9.86
N ARG A 227 19.52 -6.49 9.15
CA ARG A 227 18.13 -6.36 9.63
C ARG A 227 17.18 -7.35 9.02
N ARG A 228 17.39 -7.64 7.73
CA ARG A 228 16.44 -8.45 6.98
C ARG A 228 17.18 -9.40 6.04
N PRO A 229 17.95 -10.34 6.62
CA PRO A 229 18.82 -11.14 5.76
C PRO A 229 18.02 -12.03 4.80
N GLU A 230 16.76 -12.33 5.12
CA GLU A 230 15.95 -13.14 4.23
C GLU A 230 15.64 -12.39 2.92
N LEU A 231 15.66 -11.06 2.95
CA LEU A 231 15.44 -10.30 1.72
C LEU A 231 16.59 -10.52 0.74
N LEU A 232 17.79 -10.72 1.27
CA LEU A 232 18.99 -10.91 0.45
C LEU A 232 18.97 -12.24 -0.31
N GLU A 233 18.44 -13.27 0.34
CA GLU A 233 18.40 -14.59 -0.28
C GLU A 233 17.40 -14.62 -1.45
N GLY A 234 16.58 -13.57 -1.57
CA GLY A 234 15.64 -13.50 -2.66
C GLY A 234 16.18 -12.75 -3.86
N LEU A 235 17.44 -12.31 -3.76
CA LEU A 235 18.03 -11.46 -4.78
C LEU A 235 19.14 -12.17 -5.53
N ALA A 236 19.33 -11.76 -6.78
CA ALA A 236 20.48 -12.15 -7.56
C ALA A 236 21.38 -10.92 -7.57
N LEU A 237 22.32 -10.88 -6.65
CA LEU A 237 23.15 -9.69 -6.51
C LEU A 237 24.01 -9.49 -7.73
N THR A 238 24.19 -8.22 -8.10
CA THR A 238 25.15 -7.92 -9.16
C THR A 238 26.57 -8.17 -8.65
N ASP A 239 27.50 -8.22 -9.59
CA ASP A 239 28.91 -8.31 -9.29
C ASP A 239 29.37 -7.26 -8.27
N GLU A 240 28.99 -6.03 -8.55
CA GLU A 240 29.34 -4.91 -7.69
C GLU A 240 28.74 -5.09 -6.31
N GLN A 241 27.48 -5.53 -6.27
CA GLN A 241 26.81 -5.72 -5.01
C GLN A 241 27.45 -6.85 -4.21
N ARG A 242 27.81 -7.95 -4.88
CA ARG A 242 28.45 -9.07 -4.17
C ARG A 242 29.74 -8.59 -3.51
N LYS A 243 30.49 -7.75 -4.21
CA LYS A 243 31.74 -7.19 -3.70
C LYS A 243 31.56 -6.30 -2.48
N LEU A 244 30.66 -5.32 -2.59
CA LEU A 244 30.43 -4.40 -1.48
C LEU A 244 29.83 -5.11 -0.27
N LEU A 245 28.96 -6.09 -0.49
CA LEU A 245 28.44 -6.88 0.62
C LEU A 245 29.56 -7.67 1.32
N LYS A 246 30.42 -8.32 0.55
CA LYS A 246 31.57 -9.01 1.14
C LYS A 246 32.40 -8.05 1.97
N GLU A 247 32.71 -6.87 1.41
CA GLU A 247 33.46 -5.84 2.17
C GLU A 247 32.74 -5.45 3.46
N ALA A 248 31.45 -5.18 3.38
CA ALA A 248 30.67 -4.81 4.58
C ALA A 248 30.70 -5.89 5.63
N GLN A 249 30.59 -7.14 5.20
CA GLN A 249 30.60 -8.26 6.13
C GLN A 249 31.99 -8.43 6.77
N ALA A 250 33.05 -8.25 5.99
CA ALA A 250 34.42 -8.32 6.53
C ALA A 250 34.67 -7.23 7.57
N GLU A 251 34.19 -6.01 7.30
CA GLU A 251 34.35 -4.93 8.26
C GLU A 251 33.54 -5.20 9.53
N HIS A 252 32.44 -5.92 9.38
CA HIS A 252 31.62 -6.25 10.53
C HIS A 252 32.31 -7.28 11.40
N ASN A 253 33.01 -8.23 10.77
CA ASN A 253 33.82 -9.22 11.49
C ASN A 253 35.17 -8.64 11.91
N SER A 254 35.29 -7.32 11.71
CA SER A 254 36.51 -6.55 11.96
C SER A 254 37.69 -7.07 11.14
C8 4G3 B . -12.33 -8.61 6.79
C2 4G3 B . -7.81 -5.78 6.36
C7 4G3 B . -12.09 -7.24 6.96
C9 4G3 B . -12.35 -9.48 7.88
C3 4G3 B . -9.04 -5.55 6.95
C11 4G3 B . -11.90 -7.55 9.35
C12 4G3 B . -6.76 -5.75 8.54
C1 4G3 B . -6.66 -5.90 7.16
C6 4G3 B . -11.87 -6.72 8.25
C10 4G3 B . -12.12 -8.94 9.14
C4 4G3 B . -9.05 -5.41 8.37
C 4G3 B . -5.38 -6.19 6.52
C5 4G3 B . -11.50 -5.26 8.44
N2 4G3 B . -7.91 -5.50 9.17
N 4G3 B . -4.44 -6.83 7.31
N1 4G3 B . -10.18 -5.22 9.08
O 4G3 B . -5.12 -5.91 5.34
O1 4G3 B . -12.09 -9.71 10.25
CAC FLC C . -21.03 3.28 13.90
CA FLC C . -20.33 1.98 13.56
CB FLC C . -19.68 1.28 14.75
CBC FLC C . -20.77 0.82 15.72
CG FLC C . -18.96 0.03 14.26
CGC FLC C . -17.83 0.38 13.32
OA1 FLC C . -21.49 3.94 12.95
OA2 FLC C . -21.16 3.63 15.09
OB1 FLC C . -21.89 0.53 15.24
OB2 FLC C . -20.50 0.78 16.94
OG1 FLC C . -17.65 -0.35 12.31
OG2 FLC C . -17.11 1.36 13.58
OHB FLC C . -18.75 2.14 15.43
#